data_3I51
#
_entry.id   3I51
#
_cell.length_a   90.402
_cell.length_b   37.487
_cell.length_c   74.993
_cell.angle_alpha   90.00
_cell.angle_beta   95.23
_cell.angle_gamma   90.00
#
_symmetry.space_group_name_H-M   'C 1 2 1'
#
loop_
_entity.id
_entity.type
_entity.pdbx_description
1 polymer 'Catechol 1,2-dioxygenase'
2 non-polymer 'FE (III) ION'
3 non-polymer 4,5-dichlorobenzene-1,2-diol
4 non-polymer '(4S,7R)-4-HYDROXY-N,N,N-TRIMETHYL-9-OXO-7-[(PALMITOYLOXY)METHYL]-3,5,8-TRIOXA-4-PHOSPHAHEXACOSAN-1-AMINIUM 4-OXIDE'
5 water water
#
_entity_poly.entity_id   1
_entity_poly.type   'polypeptide(L)'
_entity_poly.pdbx_seq_one_letter_code
;GSGSAATDKFKAERATADTSPERLAAIAKDALGALNDVILKHGVTYPEYRVFKQWLIDVGEGGEWPLFLDVFIEHSVEEV
LARSRKGTMGSIEGPYYIENSPELPSKCTLPMREEDEKITPLVFSGQVTDLDGNGLAGAKVELWHADNDGYYSQFAPHLP
EWNLRGTIIADEEGRYEITTIQPAPYQIPTDGPTGQFIEAQNGHPWRPAHLHLIVSAPGKESVTTQLYFKGGEWIDSDVA
SATKPELILDPKTGDDGKNYVTYNFVLDPA
;
_entity_poly.pdbx_strand_id   A
#
# COMPACT_ATOMS: atom_id res chain seq x y z
N ALA A 15 -17.96 7.24 -7.12
CA ALA A 15 -17.99 6.90 -5.72
C ALA A 15 -19.14 7.55 -4.92
N THR A 16 -19.74 6.78 -4.06
CA THR A 16 -20.85 7.29 -3.33
C THR A 16 -20.75 6.81 -1.95
N ALA A 17 -21.27 7.64 -1.07
CA ALA A 17 -21.28 7.34 0.30
C ALA A 17 -22.68 7.69 0.70
N ASP A 18 -23.04 7.01 1.74
CA ASP A 18 -24.35 7.01 2.43
C ASP A 18 -24.39 7.92 3.69
N THR A 19 -23.54 8.93 3.69
CA THR A 19 -23.35 9.90 4.78
C THR A 19 -24.54 10.85 4.79
N SER A 20 -25.10 11.07 5.97
CA SER A 20 -26.20 12.02 6.17
C SER A 20 -25.75 13.49 6.03
N PRO A 21 -26.67 14.42 5.72
CA PRO A 21 -26.33 15.85 5.76
C PRO A 21 -25.73 16.25 7.11
N GLU A 22 -26.28 15.71 8.20
CA GLU A 22 -25.85 16.06 9.55
C GLU A 22 -24.46 15.51 9.92
N ARG A 23 -24.16 14.29 9.48
CA ARG A 23 -22.82 13.74 9.64
C ARG A 23 -21.81 14.54 8.82
N LEU A 24 -22.16 14.83 7.56
CA LEU A 24 -21.28 15.67 6.73
C LEU A 24 -21.08 17.06 7.34
N ALA A 25 -22.17 17.72 7.74
CA ALA A 25 -22.04 19.01 8.44
C ALA A 25 -21.03 19.00 9.59
N ALA A 26 -21.07 17.93 10.39
CA ALA A 26 -20.30 17.80 11.61
C ALA A 26 -18.84 17.56 11.30
N ILE A 27 -18.59 16.71 10.31
CA ILE A 27 -17.23 16.45 9.84
C ILE A 27 -16.64 17.74 9.24
N ALA A 28 -17.39 18.40 8.36
CA ALA A 28 -16.95 19.66 7.74
C ALA A 28 -16.66 20.74 8.77
N LYS A 29 -17.57 20.90 9.73
CA LYS A 29 -17.38 21.88 10.79
C LYS A 29 -16.08 21.68 11.53
N ASP A 30 -15.78 20.47 12.01
CA ASP A 30 -14.51 20.36 12.68
C ASP A 30 -13.27 20.28 11.79
N ALA A 31 -13.38 19.82 10.55
CA ALA A 31 -12.25 19.84 9.62
C ALA A 31 -11.86 21.28 9.27
N LEU A 32 -12.85 22.08 8.86
CA LEU A 32 -12.59 23.50 8.51
C LEU A 32 -12.22 24.30 9.71
N GLY A 33 -12.89 24.01 10.83
CA GLY A 33 -12.63 24.68 12.10
C GLY A 33 -11.19 24.46 12.49
N ALA A 34 -10.75 23.21 12.34
CA ALA A 34 -9.38 22.80 12.66
C ALA A 34 -8.35 23.53 11.81
N LEU A 35 -8.60 23.60 10.51
CA LEU A 35 -7.69 24.26 9.62
C LEU A 35 -7.65 25.74 9.91
N ASN A 36 -8.81 26.34 10.13
CA ASN A 36 -8.86 27.76 10.51
C ASN A 36 -8.09 28.02 11.83
N ASP A 37 -8.28 27.12 12.81
CA ASP A 37 -7.45 27.13 14.02
C ASP A 37 -5.94 27.07 13.79
N VAL A 38 -5.48 26.27 12.83
CA VAL A 38 -4.04 26.19 12.50
C VAL A 38 -3.53 27.55 11.92
N ILE A 39 -4.30 28.13 11.00
CA ILE A 39 -4.02 29.50 10.49
C ILE A 39 -3.87 30.53 11.63
N LEU A 40 -4.81 30.52 12.54
CA LEU A 40 -4.76 31.40 13.73
C LEU A 40 -3.55 31.13 14.65
N LYS A 41 -3.30 29.86 14.94
CA LYS A 41 -2.20 29.49 15.86
C LYS A 41 -0.88 29.95 15.30
N HIS A 42 -0.70 29.75 14.00
CA HIS A 42 0.58 29.98 13.36
C HIS A 42 0.71 31.38 12.73
N GLY A 43 -0.37 32.16 12.76
CA GLY A 43 -0.35 33.47 12.11
C GLY A 43 0.02 33.38 10.64
N VAL A 44 -0.65 32.46 9.96
CA VAL A 44 -0.48 32.29 8.51
C VAL A 44 -0.76 33.64 7.81
N THR A 45 0.13 34.01 6.91
CA THR A 45 0.12 35.29 6.23
C THR A 45 -0.60 35.27 4.89
N TYR A 46 -0.94 36.45 4.38
CA TYR A 46 -1.45 36.51 3.02
C TYR A 46 -0.50 35.95 1.94
N PRO A 47 0.81 36.28 1.96
CA PRO A 47 1.67 35.59 0.99
C PRO A 47 1.68 34.03 1.12
N GLU A 48 1.58 33.53 2.34
CA GLU A 48 1.49 32.10 2.59
C GLU A 48 0.18 31.52 2.05
N TYR A 49 -0.87 32.26 2.28
CA TYR A 49 -2.21 31.85 1.82
C TYR A 49 -2.18 31.75 0.30
N ARG A 50 -1.57 32.72 -0.34
CA ARG A 50 -1.43 32.72 -1.79
C ARG A 50 -0.65 31.53 -2.34
N VAL A 51 0.44 31.14 -1.63
CA VAL A 51 1.24 30.00 -2.05
C VAL A 51 0.43 28.72 -1.87
N PHE A 52 -0.29 28.66 -0.76
CA PHE A 52 -1.17 27.49 -0.45
C PHE A 52 -2.24 27.27 -1.56
N LYS A 53 -2.81 28.38 -2.02
CA LYS A 53 -3.84 28.37 -3.03
C LYS A 53 -3.27 27.89 -4.35
N GLN A 54 -2.12 28.43 -4.72
CA GLN A 54 -1.49 27.98 -5.95
C GLN A 54 -1.09 26.50 -5.89
N TRP A 55 -0.63 26.07 -4.74
CA TRP A 55 -0.16 24.68 -4.56
C TRP A 55 -1.34 23.71 -4.63
N LEU A 56 -2.48 24.07 -4.06
CA LEU A 56 -3.70 23.21 -4.23
C LEU A 56 -4.07 23.08 -5.71
N ILE A 57 -4.01 24.20 -6.44
CA ILE A 57 -4.23 24.18 -7.91
C ILE A 57 -3.26 23.27 -8.65
N ASP A 58 -1.99 23.41 -8.31
CA ASP A 58 -0.93 22.54 -8.83
C ASP A 58 -1.13 21.05 -8.53
N VAL A 59 -1.55 20.71 -7.32
CA VAL A 59 -1.85 19.27 -6.98
C VAL A 59 -2.82 18.71 -8.01
N GLY A 60 -3.93 19.41 -8.25
CA GLY A 60 -4.94 18.94 -9.22
C GLY A 60 -4.43 18.90 -10.64
N GLU A 61 -3.74 19.95 -11.03
CA GLU A 61 -3.17 20.02 -12.37
C GLU A 61 -2.16 18.94 -12.64
N GLY A 62 -1.39 18.55 -11.64
CA GLY A 62 -0.44 17.44 -11.76
C GLY A 62 -1.02 16.04 -11.56
N GLY A 63 -2.33 15.92 -11.36
CA GLY A 63 -2.98 14.61 -11.13
C GLY A 63 -2.53 13.89 -9.86
N GLU A 64 -2.14 14.67 -8.86
CA GLU A 64 -1.60 14.11 -7.63
C GLU A 64 -2.55 14.04 -6.44
N TRP A 65 -3.86 14.20 -6.64
CA TRP A 65 -4.73 14.04 -5.46
C TRP A 65 -4.66 12.60 -4.91
N PRO A 66 -4.73 11.58 -5.79
CA PRO A 66 -4.58 10.20 -5.24
C PRO A 66 -3.25 9.99 -4.48
N LEU A 67 -2.13 10.47 -5.01
CA LEU A 67 -0.89 10.36 -4.32
C LEU A 67 -0.89 11.09 -3.00
N PHE A 68 -1.23 12.38 -3.01
CA PHE A 68 -1.14 13.17 -1.81
C PHE A 68 -2.04 12.62 -0.71
N LEU A 69 -3.27 12.24 -1.06
CA LEU A 69 -4.16 11.77 0.00
C LEU A 69 -3.69 10.40 0.55
N ASP A 70 -3.31 9.51 -0.34
CA ASP A 70 -2.86 8.18 0.10
C ASP A 70 -1.61 8.28 0.94
N VAL A 71 -0.73 9.27 0.63
CA VAL A 71 0.47 9.50 1.51
C VAL A 71 0.04 10.05 2.87
N PHE A 72 -0.79 11.11 2.88
CA PHE A 72 -0.97 11.89 4.12
C PHE A 72 -2.26 11.69 4.91
N ILE A 73 -3.24 11.00 4.33
CA ILE A 73 -4.57 10.83 4.90
C ILE A 73 -5.00 9.33 5.02
N GLU A 74 -4.72 8.54 3.99
CA GLU A 74 -5.26 7.16 3.97
C GLU A 74 -4.95 6.36 5.27
N HIS A 75 -3.76 6.52 5.85
CA HIS A 75 -3.37 5.75 7.04
C HIS A 75 -4.41 5.92 8.16
N SER A 76 -5.05 7.11 8.25
CA SER A 76 -6.07 7.35 9.30
C SER A 76 -7.34 6.65 8.95
N VAL A 77 -7.66 6.54 7.67
CA VAL A 77 -8.87 5.84 7.22
C VAL A 77 -8.68 4.33 7.46
N GLU A 78 -7.48 3.79 7.22
CA GLU A 78 -7.26 2.33 7.54
C GLU A 78 -7.34 2.11 9.05
N GLU A 79 -6.81 3.07 9.79
CA GLU A 79 -6.80 3.00 11.24
C GLU A 79 -8.23 2.89 11.79
N VAL A 80 -9.15 3.70 11.27
CA VAL A 80 -10.59 3.52 11.55
C VAL A 80 -11.06 2.11 11.20
N LEU A 81 -10.85 1.68 9.94
CA LEU A 81 -11.28 0.34 9.57
C LEU A 81 -10.70 -0.78 10.47
N ALA A 82 -9.43 -0.65 10.85
CA ALA A 82 -8.73 -1.61 11.73
C ALA A 82 -9.51 -1.98 13.02
N ARG A 83 -10.19 -1.00 13.62
CA ARG A 83 -11.00 -1.19 14.85
C ARG A 83 -12.09 -2.26 14.73
N SER A 84 -12.58 -2.49 13.51
CA SER A 84 -13.67 -3.42 13.27
C SER A 84 -13.23 -4.80 12.80
N ARG A 85 -11.91 -5.06 12.92
CA ARG A 85 -11.26 -6.25 12.33
C ARG A 85 -10.43 -7.00 13.38
N LYS A 86 -10.58 -8.33 13.39
CA LYS A 86 -9.85 -9.21 14.31
C LYS A 86 -8.70 -9.92 13.61
N GLY A 87 -8.75 -9.99 12.26
CA GLY A 87 -7.76 -10.72 11.47
C GLY A 87 -6.44 -9.97 11.24
N THR A 88 -5.71 -10.34 10.20
CA THR A 88 -4.36 -9.78 9.99
C THR A 88 -4.42 -8.26 9.82
N MET A 89 -3.37 -7.58 10.27
CA MET A 89 -3.32 -6.13 10.21
C MET A 89 -3.45 -5.68 8.77
N GLY A 90 -4.27 -4.64 8.59
CA GLY A 90 -4.39 -4.02 7.27
C GLY A 90 -3.36 -2.90 7.14
N SER A 91 -3.24 -2.39 5.93
CA SER A 91 -2.47 -1.15 5.70
C SER A 91 -3.12 -0.45 4.50
N ILE A 92 -2.57 0.68 4.10
CA ILE A 92 -3.22 1.45 3.07
C ILE A 92 -3.14 0.72 1.72
N GLU A 93 -4.10 0.99 0.85
CA GLU A 93 -4.06 0.48 -0.50
C GLU A 93 -3.00 1.26 -1.30
N GLY A 94 -2.94 2.56 -1.07
CA GLY A 94 -2.10 3.44 -1.90
C GLY A 94 -2.66 3.56 -3.32
N PRO A 95 -1.97 4.31 -4.19
CA PRO A 95 -2.60 4.65 -5.49
C PRO A 95 -2.38 3.66 -6.64
N TYR A 96 -1.62 2.59 -6.42
CA TYR A 96 -1.17 1.73 -7.54
C TYR A 96 -1.83 0.39 -7.73
N TYR A 97 -2.95 0.18 -7.04
CA TYR A 97 -3.69 -1.08 -7.20
C TYR A 97 -4.39 -1.15 -8.56
N ILE A 98 -4.41 -2.33 -9.19
CA ILE A 98 -5.22 -2.53 -10.41
C ILE A 98 -6.02 -3.85 -10.32
N GLU A 99 -7.33 -3.73 -10.48
CA GLU A 99 -8.23 -4.90 -10.35
C GLU A 99 -8.01 -5.91 -11.50
N ASN A 100 -8.40 -7.17 -11.29
CA ASN A 100 -8.37 -8.19 -12.37
C ASN A 100 -6.98 -8.52 -12.95
N SER A 101 -5.95 -8.56 -12.08
CA SER A 101 -4.67 -9.06 -12.52
C SER A 101 -4.84 -10.55 -12.86
N PRO A 102 -4.11 -11.05 -13.85
CA PRO A 102 -4.25 -12.45 -14.29
C PRO A 102 -4.08 -13.47 -13.18
N GLU A 103 -4.92 -14.50 -13.17
CA GLU A 103 -4.86 -15.56 -12.14
C GLU A 103 -3.68 -16.53 -12.34
N LEU A 104 -3.14 -17.02 -11.23
CA LEU A 104 -2.00 -17.95 -11.24
C LEU A 104 -2.31 -19.02 -10.22
N PRO A 105 -1.73 -20.22 -10.39
CA PRO A 105 -2.00 -21.31 -9.44
C PRO A 105 -1.34 -21.14 -8.07
N SER A 106 -1.72 -21.98 -7.10
CA SER A 106 -1.25 -21.81 -5.72
C SER A 106 0.25 -21.71 -5.63
N LYS A 107 0.95 -22.49 -6.46
CA LYS A 107 2.41 -22.46 -6.53
C LYS A 107 2.74 -21.87 -7.87
N CYS A 108 3.38 -20.70 -7.86
CA CYS A 108 3.53 -19.88 -9.05
C CYS A 108 4.69 -18.91 -8.89
N THR A 109 5.05 -18.27 -10.00
CA THR A 109 5.91 -17.08 -9.99
C THR A 109 5.21 -15.96 -10.73
N LEU A 110 5.22 -14.77 -10.11
CA LEU A 110 4.65 -13.55 -10.70
C LEU A 110 5.23 -13.28 -12.08
N PRO A 111 4.43 -12.65 -12.96
CA PRO A 111 4.92 -12.23 -14.25
C PRO A 111 6.07 -11.25 -14.04
N MET A 112 7.13 -11.39 -14.81
CA MET A 112 8.28 -10.48 -14.72
C MET A 112 9.15 -10.47 -16.00
N ARG A 113 9.94 -9.41 -16.16
CA ARG A 113 10.86 -9.25 -17.28
C ARG A 113 12.20 -9.92 -17.03
N GLU A 114 13.08 -9.84 -18.04
CA GLU A 114 14.50 -10.20 -17.90
C GLU A 114 15.30 -9.21 -17.05
N GLU A 115 15.01 -7.91 -17.16
CA GLU A 115 15.54 -6.92 -16.22
C GLU A 115 15.15 -7.22 -14.74
N ASP A 116 14.29 -8.23 -14.51
CA ASP A 116 13.83 -8.64 -13.16
C ASP A 116 14.41 -9.98 -12.69
N GLU A 117 14.72 -10.86 -13.64
CA GLU A 117 15.21 -12.21 -13.36
C GLU A 117 16.64 -12.24 -12.79
N LYS A 118 17.30 -11.08 -12.79
CA LYS A 118 18.65 -10.94 -12.27
C LYS A 118 18.65 -10.57 -10.78
N ILE A 119 17.46 -10.34 -10.23
CA ILE A 119 17.29 -9.90 -8.83
C ILE A 119 17.11 -11.12 -7.95
N THR A 120 17.70 -11.12 -6.75
CA THR A 120 17.56 -12.34 -5.96
C THR A 120 16.08 -12.63 -5.71
N PRO A 121 15.66 -13.90 -5.99
CA PRO A 121 14.27 -14.28 -5.87
C PRO A 121 13.78 -14.22 -4.46
N LEU A 122 12.49 -13.93 -4.31
CA LEU A 122 11.83 -13.94 -3.04
C LEU A 122 10.70 -14.96 -3.14
N VAL A 123 10.77 -15.95 -2.26
CA VAL A 123 9.78 -17.03 -2.21
C VAL A 123 8.85 -16.88 -1.04
N PHE A 124 7.62 -16.51 -1.38
CA PHE A 124 6.61 -16.09 -0.39
C PHE A 124 5.53 -17.19 -0.24
N SER A 125 5.47 -17.80 0.94
CA SER A 125 4.56 -18.92 1.24
C SER A 125 3.68 -18.67 2.43
N GLY A 126 2.57 -19.38 2.50
CA GLY A 126 1.77 -19.27 3.66
C GLY A 126 0.38 -19.80 3.42
N GLN A 127 -0.51 -19.45 4.34
CA GLN A 127 -1.88 -19.94 4.40
C GLN A 127 -2.86 -18.85 4.77
N VAL A 128 -3.99 -18.89 4.06
CA VAL A 128 -5.17 -18.08 4.39
C VAL A 128 -6.15 -18.86 5.27
N THR A 129 -6.50 -18.32 6.44
CA THR A 129 -7.39 -18.96 7.41
C THR A 129 -8.47 -18.02 7.99
N ASP A 130 -9.41 -18.55 8.78
CA ASP A 130 -10.41 -17.75 9.48
C ASP A 130 -9.94 -17.37 10.88
N LEU A 131 -10.80 -16.77 11.71
CA LEU A 131 -10.39 -16.35 13.06
C LEU A 131 -10.01 -17.50 14.01
N ASP A 132 -10.59 -18.69 13.78
CA ASP A 132 -10.36 -19.89 14.60
C ASP A 132 -9.22 -20.73 14.03
N GLY A 133 -8.70 -20.30 12.87
CA GLY A 133 -7.50 -20.90 12.26
C GLY A 133 -7.84 -21.97 11.24
N ASN A 134 -9.13 -22.10 10.95
CA ASN A 134 -9.55 -22.98 9.86
C ASN A 134 -9.00 -22.46 8.53
N GLY A 135 -8.25 -23.29 7.82
CA GLY A 135 -7.81 -22.99 6.44
C GLY A 135 -8.96 -22.74 5.48
N LEU A 136 -8.73 -21.94 4.41
CA LEU A 136 -9.86 -21.47 3.55
C LEU A 136 -9.71 -21.78 2.08
N ALA A 137 -10.61 -22.59 1.55
CA ALA A 137 -10.60 -22.92 0.11
C ALA A 137 -11.21 -21.80 -0.75
N GLY A 138 -10.79 -21.70 -2.01
CA GLY A 138 -11.24 -20.62 -2.90
C GLY A 138 -10.68 -19.26 -2.52
N ALA A 139 -9.51 -19.26 -1.86
CA ALA A 139 -8.95 -17.98 -1.36
C ALA A 139 -8.03 -17.41 -2.41
N LYS A 140 -8.07 -16.09 -2.57
CA LYS A 140 -7.33 -15.43 -3.63
C LYS A 140 -6.40 -14.44 -2.96
N VAL A 141 -5.18 -14.36 -3.49
CA VAL A 141 -4.18 -13.40 -2.99
C VAL A 141 -3.80 -12.51 -4.16
N GLU A 142 -4.26 -11.26 -4.12
CA GLU A 142 -3.86 -10.33 -5.17
C GLU A 142 -2.58 -9.64 -4.70
N LEU A 143 -1.51 -9.83 -5.47
CA LEU A 143 -0.20 -9.28 -5.11
C LEU A 143 0.21 -8.27 -6.16
N TRP A 144 0.69 -7.10 -5.71
CA TRP A 144 1.30 -6.12 -6.60
C TRP A 144 2.40 -5.40 -5.84
N HIS A 145 3.48 -5.10 -6.56
CA HIS A 145 4.61 -4.40 -5.99
C HIS A 145 5.51 -3.80 -7.07
N ALA A 146 6.47 -3.00 -6.65
CA ALA A 146 7.34 -2.33 -7.60
C ALA A 146 8.52 -3.23 -7.97
N ASP A 147 9.19 -2.94 -9.07
CA ASP A 147 10.39 -3.65 -9.46
C ASP A 147 11.64 -3.12 -8.68
N ASN A 148 12.85 -3.58 -9.05
CA ASN A 148 14.10 -3.15 -8.36
C ASN A 148 14.46 -1.70 -8.64
N ASP A 149 13.79 -1.14 -9.64
CA ASP A 149 13.86 0.26 -10.06
C ASP A 149 12.84 1.15 -9.31
N GLY A 150 11.93 0.57 -8.50
CA GLY A 150 10.87 1.35 -7.85
C GLY A 150 9.71 1.77 -8.76
N TYR A 151 9.54 1.09 -9.90
CA TYR A 151 8.39 1.36 -10.78
C TYR A 151 7.30 0.33 -10.70
N TYR A 152 6.07 0.80 -10.89
CA TYR A 152 4.91 -0.10 -11.02
C TYR A 152 4.44 -0.21 -12.48
N SER A 153 4.02 -1.41 -12.87
CA SER A 153 3.41 -1.64 -14.18
C SER A 153 2.08 -0.87 -14.27
N GLN A 154 1.78 -0.39 -15.47
CA GLN A 154 0.64 0.50 -15.71
C GLN A 154 0.83 1.93 -15.20
N PHE A 155 1.99 2.17 -14.59
CA PHE A 155 2.42 3.49 -14.10
C PHE A 155 3.87 3.78 -14.49
N ALA A 156 4.29 3.10 -15.55
CA ALA A 156 5.61 3.23 -16.16
C ALA A 156 5.44 2.57 -17.51
N PRO A 157 5.52 3.35 -18.60
CA PRO A 157 5.18 2.85 -19.94
C PRO A 157 6.11 1.73 -20.47
N HIS A 158 7.30 1.56 -19.90
CA HIS A 158 8.22 0.50 -20.34
C HIS A 158 7.85 -0.92 -19.89
N LEU A 159 6.96 -1.01 -18.88
CA LEU A 159 6.68 -2.27 -18.27
C LEU A 159 5.53 -3.03 -18.87
N PRO A 160 5.70 -4.35 -19.06
CA PRO A 160 4.57 -5.23 -19.41
C PRO A 160 3.46 -5.01 -18.40
N GLU A 161 2.23 -4.87 -18.89
CA GLU A 161 1.17 -4.29 -18.06
C GLU A 161 0.87 -5.05 -16.76
N TRP A 162 1.18 -6.35 -16.67
CA TRP A 162 0.99 -7.07 -15.40
C TRP A 162 2.30 -7.44 -14.70
N ASN A 163 3.36 -6.69 -14.98
CA ASN A 163 4.69 -6.98 -14.39
C ASN A 163 4.53 -6.98 -12.89
N LEU A 164 4.84 -8.10 -12.22
CA LEU A 164 4.80 -8.13 -10.73
C LEU A 164 3.38 -7.85 -10.21
N ARG A 165 2.39 -8.28 -10.98
CA ARG A 165 0.99 -8.26 -10.56
C ARG A 165 0.36 -9.63 -10.84
N GLY A 166 -0.37 -10.16 -9.88
CA GLY A 166 -1.16 -11.38 -10.08
C GLY A 166 -2.25 -11.64 -9.06
N THR A 167 -3.26 -12.40 -9.46
CA THR A 167 -4.13 -12.95 -8.44
C THR A 167 -3.92 -14.46 -8.25
N ILE A 168 -3.36 -14.79 -7.09
CA ILE A 168 -2.99 -16.17 -6.76
C ILE A 168 -4.19 -16.93 -6.22
N ILE A 169 -4.45 -18.10 -6.81
CA ILE A 169 -5.51 -18.98 -6.30
C ILE A 169 -4.99 -19.98 -5.24
N ALA A 170 -5.33 -19.76 -3.97
CA ALA A 170 -4.82 -20.62 -2.89
C ALA A 170 -5.45 -22.03 -2.95
N ASP A 171 -4.71 -23.05 -2.52
CA ASP A 171 -5.19 -24.44 -2.62
C ASP A 171 -6.34 -24.74 -1.63
N GLU A 172 -6.74 -26.01 -1.51
CA GLU A 172 -7.94 -26.41 -0.77
C GLU A 172 -7.80 -26.13 0.71
N GLU A 173 -6.54 -26.12 1.16
CA GLU A 173 -6.16 -25.79 2.52
C GLU A 173 -5.97 -24.25 2.70
N GLY A 174 -5.88 -23.52 1.60
CA GLY A 174 -5.74 -22.06 1.66
C GLY A 174 -4.30 -21.61 1.64
N ARG A 175 -3.44 -22.49 1.09
CA ARG A 175 -1.99 -22.26 0.99
C ARG A 175 -1.52 -21.79 -0.41
N TYR A 176 -0.39 -21.06 -0.43
CA TYR A 176 0.20 -20.50 -1.66
C TYR A 176 1.72 -20.50 -1.52
N GLU A 177 2.38 -20.46 -2.65
CA GLU A 177 3.83 -20.28 -2.75
C GLU A 177 4.15 -19.50 -4.00
N ILE A 178 4.50 -18.22 -3.80
CA ILE A 178 4.60 -17.27 -4.87
C ILE A 178 6.05 -16.82 -4.95
N THR A 179 6.71 -17.05 -6.07
CA THR A 179 8.06 -16.50 -6.17
C THR A 179 8.05 -15.23 -7.00
N THR A 180 8.73 -14.25 -6.43
CA THR A 180 8.85 -12.96 -7.05
C THR A 180 10.23 -12.40 -6.79
N ILE A 181 10.35 -11.06 -6.72
CA ILE A 181 11.56 -10.38 -6.25
C ILE A 181 11.26 -9.42 -5.07
N GLN A 182 12.28 -9.00 -4.33
CA GLN A 182 12.05 -7.94 -3.34
C GLN A 182 11.94 -6.61 -4.06
N PRO A 183 10.85 -5.87 -3.81
CA PRO A 183 10.77 -4.56 -4.44
C PRO A 183 11.84 -3.63 -3.85
N ALA A 184 12.23 -2.63 -4.63
CA ALA A 184 13.02 -1.52 -4.11
C ALA A 184 12.12 -0.60 -3.28
N PRO A 185 12.72 0.20 -2.33
CA PRO A 185 11.92 1.28 -1.74
C PRO A 185 11.32 2.20 -2.82
N TYR A 186 10.28 2.92 -2.46
CA TYR A 186 9.61 3.82 -3.41
C TYR A 186 9.90 5.29 -3.08
N GLN A 187 10.21 6.12 -4.10
CA GLN A 187 10.40 7.56 -3.86
C GLN A 187 9.30 8.40 -4.51
N ILE A 188 8.68 9.28 -3.72
CA ILE A 188 7.73 10.24 -4.33
C ILE A 188 8.44 11.27 -5.23
N PRO A 189 8.06 11.30 -6.53
CA PRO A 189 8.70 12.20 -7.50
C PRO A 189 8.92 13.57 -6.88
N THR A 190 10.16 14.06 -6.89
CA THR A 190 10.49 15.26 -6.14
C THR A 190 9.94 16.55 -6.79
N ASP A 191 9.70 16.53 -8.09
CA ASP A 191 9.34 17.76 -8.82
C ASP A 191 7.86 18.09 -8.79
N GLY A 192 7.05 17.11 -8.47
CA GLY A 192 5.63 17.42 -8.37
C GLY A 192 5.23 18.16 -7.12
N PRO A 193 3.93 18.59 -7.04
CA PRO A 193 3.49 19.37 -5.91
C PRO A 193 3.71 18.63 -4.59
N THR A 194 3.48 17.30 -4.55
CA THR A 194 3.64 16.57 -3.30
C THR A 194 5.14 16.52 -2.90
N GLY A 195 5.98 16.27 -3.88
CA GLY A 195 7.46 16.21 -3.65
C GLY A 195 7.96 17.58 -3.21
N GLN A 196 7.45 18.62 -3.87
CA GLN A 196 7.79 19.98 -3.51
CA GLN A 196 7.72 20.04 -3.56
C GLN A 196 7.30 20.36 -2.12
N PHE A 197 6.13 19.83 -1.72
CA PHE A 197 5.61 20.00 -0.36
C PHE A 197 6.58 19.40 0.68
N ILE A 198 6.96 18.14 0.44
CA ILE A 198 7.98 17.40 1.22
C ILE A 198 9.34 18.17 1.22
N GLU A 199 9.89 18.50 0.04
CA GLU A 199 11.20 19.23 -0.08
C GLU A 199 11.24 20.55 0.72
N ALA A 200 10.15 21.32 0.63
CA ALA A 200 10.05 22.63 1.27
C ALA A 200 10.05 22.58 2.78
N GLN A 201 9.72 21.42 3.36
CA GLN A 201 9.80 21.25 4.82
C GLN A 201 10.98 20.38 5.26
N ASN A 202 11.86 20.10 4.31
CA ASN A 202 13.06 19.31 4.55
C ASN A 202 12.79 17.80 4.82
N GLY A 203 11.72 17.24 4.26
CA GLY A 203 11.43 15.81 4.47
C GLY A 203 12.10 14.79 3.54
N HIS A 204 11.76 13.51 3.72
CA HIS A 204 12.30 12.45 2.85
C HIS A 204 11.16 11.88 2.04
N PRO A 205 11.29 11.86 0.71
CA PRO A 205 10.11 11.47 -0.04
C PRO A 205 10.05 9.94 -0.25
N TRP A 206 10.28 9.14 0.81
CA TRP A 206 10.53 7.70 0.59
C TRP A 206 9.57 6.81 1.35
N ARG A 207 9.21 5.68 0.74
CA ARG A 207 8.49 4.65 1.49
C ARG A 207 9.42 3.41 1.55
N PRO A 208 9.42 2.65 2.67
CA PRO A 208 10.19 1.41 2.65
C PRO A 208 9.73 0.44 1.53
N ALA A 209 10.61 -0.48 1.09
CA ALA A 209 10.25 -1.59 0.15
C ALA A 209 9.01 -2.32 0.71
N HIS A 210 8.04 -2.65 -0.15
CA HIS A 210 6.80 -3.29 0.36
C HIS A 210 6.07 -4.08 -0.70
N LEU A 211 5.46 -5.19 -0.26
CA LEU A 211 4.50 -5.94 -1.05
C LEU A 211 3.13 -5.43 -0.71
N HIS A 212 2.29 -5.29 -1.73
CA HIS A 212 0.89 -5.08 -1.52
C HIS A 212 0.11 -6.36 -1.72
N LEU A 213 -0.84 -6.57 -0.83
CA LEU A 213 -1.75 -7.72 -0.98
C LEU A 213 -3.19 -7.34 -0.65
N ILE A 214 -4.12 -7.87 -1.46
CA ILE A 214 -5.52 -7.88 -1.11
C ILE A 214 -5.91 -9.37 -1.07
N VAL A 215 -6.34 -9.82 0.11
CA VAL A 215 -6.61 -11.23 0.36
C VAL A 215 -8.09 -11.39 0.63
N SER A 216 -8.69 -12.33 -0.11
CA SER A 216 -10.15 -12.57 -0.05
C SER A 216 -10.49 -14.08 -0.07
N ALA A 217 -11.70 -14.40 0.36
CA ALA A 217 -12.18 -15.80 0.40
C ALA A 217 -13.71 -15.83 0.47
N PRO A 218 -14.35 -16.93 -0.01
CA PRO A 218 -15.82 -16.95 0.10
C PRO A 218 -16.37 -16.66 1.51
N GLY A 219 -17.29 -15.70 1.57
CA GLY A 219 -17.99 -15.34 2.80
C GLY A 219 -17.15 -14.63 3.81
N LYS A 220 -15.97 -14.20 3.35
CA LYS A 220 -14.99 -13.49 4.16
C LYS A 220 -14.85 -12.04 3.69
N GLU A 221 -14.53 -11.16 4.64
CA GLU A 221 -14.21 -9.75 4.42
C GLU A 221 -12.77 -9.72 3.90
N SER A 222 -12.56 -9.19 2.68
CA SER A 222 -11.20 -9.06 2.10
C SER A 222 -10.28 -8.18 2.96
N VAL A 223 -8.96 -8.37 2.85
CA VAL A 223 -8.07 -7.51 3.63
C VAL A 223 -7.06 -6.92 2.67
N THR A 224 -6.93 -5.60 2.78
CA THR A 224 -5.90 -4.86 2.09
C THR A 224 -4.75 -4.59 3.06
N THR A 225 -3.55 -5.04 2.68
CA THR A 225 -2.42 -4.89 3.53
C THR A 225 -1.09 -4.69 2.77
N GLN A 226 0.00 -4.44 3.51
CA GLN A 226 1.31 -4.38 2.93
C GLN A 226 2.24 -5.17 3.82
N LEU A 227 3.32 -5.66 3.22
CA LEU A 227 4.38 -6.28 4.02
C LEU A 227 5.74 -5.63 3.74
N TYR A 228 6.57 -5.54 4.78
CA TYR A 228 7.85 -4.83 4.75
C TYR A 228 9.03 -5.77 5.07
N PHE A 229 10.24 -5.24 5.08
CA PHE A 229 11.42 -6.14 5.14
C PHE A 229 12.34 -5.68 6.22
N LYS A 230 12.52 -6.55 7.21
CA LYS A 230 13.35 -6.25 8.36
C LYS A 230 14.69 -5.70 7.93
N GLY A 231 15.09 -4.59 8.51
CA GLY A 231 16.36 -4.04 8.09
C GLY A 231 16.21 -3.05 6.95
N GLY A 232 15.15 -3.17 6.15
CA GLY A 232 14.94 -2.18 5.11
C GLY A 232 15.07 -0.72 5.50
N GLU A 233 15.61 0.06 4.59
CA GLU A 233 15.67 1.48 4.87
C GLU A 233 14.28 2.10 4.76
N TRP A 234 14.03 3.06 5.66
CA TRP A 234 12.81 3.83 5.78
C TRP A 234 11.68 3.13 6.53
N ILE A 235 11.89 1.93 7.09
CA ILE A 235 10.79 1.31 7.87
C ILE A 235 10.48 2.15 9.08
N ASP A 236 11.51 2.86 9.52
CA ASP A 236 11.46 3.75 10.67
C ASP A 236 10.92 5.14 10.28
N SER A 237 10.74 5.39 8.99
CA SER A 237 10.32 6.73 8.57
C SER A 237 9.59 6.67 7.25
N ASP A 238 8.51 5.90 7.23
CA ASP A 238 7.65 5.78 6.07
C ASP A 238 6.93 7.13 5.88
N VAL A 239 7.14 7.78 4.75
CA VAL A 239 6.45 9.06 4.48
C VAL A 239 4.90 8.95 4.55
N ALA A 240 4.36 7.74 4.36
CA ALA A 240 2.91 7.52 4.32
C ALA A 240 2.38 7.00 5.67
N SER A 241 3.25 6.89 6.67
CA SER A 241 2.92 6.42 8.01
C SER A 241 2.13 5.10 7.97
N ALA A 242 2.51 4.18 7.08
CA ALA A 242 1.66 3.02 6.78
C ALA A 242 2.30 1.71 7.25
N THR A 243 3.43 1.83 7.95
CA THR A 243 4.15 0.64 8.37
C THR A 243 3.64 0.26 9.73
N LYS A 244 3.61 -1.04 9.98
CA LYS A 244 3.26 -1.55 11.31
C LYS A 244 4.24 -2.68 11.62
N PRO A 245 4.63 -2.83 12.89
CA PRO A 245 5.57 -3.90 13.28
C PRO A 245 5.08 -5.32 12.92
N GLU A 246 3.78 -5.53 12.97
CA GLU A 246 3.17 -6.82 12.66
C GLU A 246 3.38 -7.25 11.19
N LEU A 247 3.74 -6.27 10.36
CA LEU A 247 3.79 -6.45 8.89
C LEU A 247 5.18 -6.57 8.31
N ILE A 248 6.16 -6.71 9.21
CA ILE A 248 7.55 -6.72 8.79
C ILE A 248 8.07 -8.16 8.66
N LEU A 249 8.52 -8.53 7.47
CA LEU A 249 8.98 -9.88 7.15
C LEU A 249 10.44 -10.00 7.46
N ASP A 250 10.86 -11.21 7.86
CA ASP A 250 12.28 -11.46 8.10
C ASP A 250 12.70 -12.69 7.29
N PRO A 251 12.95 -12.49 5.99
CA PRO A 251 13.20 -13.61 5.09
C PRO A 251 14.54 -14.32 5.38
N LYS A 252 14.53 -15.64 5.29
CA LYS A 252 15.78 -16.43 5.47
C LYS A 252 16.34 -16.83 4.11
N THR A 253 17.66 -16.76 3.96
CA THR A 253 18.31 -17.16 2.69
C THR A 253 18.58 -18.68 2.62
N GLY A 254 18.10 -19.33 1.54
CA GLY A 254 18.43 -20.75 1.22
C GLY A 254 19.76 -20.97 0.48
N ASP A 255 20.11 -22.24 0.23
CA ASP A 255 21.41 -22.54 -0.44
C ASP A 255 21.34 -22.32 -1.94
N ASP A 256 20.14 -22.11 -2.45
CA ASP A 256 19.95 -21.68 -3.82
C ASP A 256 20.19 -20.17 -3.85
N GLY A 257 20.39 -19.61 -2.66
CA GLY A 257 20.64 -18.17 -2.51
C GLY A 257 19.38 -17.35 -2.72
N LYS A 258 18.21 -18.00 -2.68
CA LYS A 258 16.92 -17.29 -2.70
C LYS A 258 16.46 -16.96 -1.30
N ASN A 259 15.68 -15.89 -1.15
CA ASN A 259 15.15 -15.54 0.18
C ASN A 259 13.77 -16.13 0.41
N TYR A 260 13.57 -16.76 1.56
CA TYR A 260 12.32 -17.47 1.86
C TYR A 260 11.60 -16.80 2.99
N VAL A 261 10.31 -16.55 2.80
CA VAL A 261 9.49 -16.08 3.93
C VAL A 261 8.09 -16.71 3.93
N THR A 262 7.62 -16.99 5.14
CA THR A 262 6.25 -17.50 5.35
C THR A 262 5.40 -16.45 6.04
N TYR A 263 4.22 -16.17 5.48
CA TYR A 263 3.29 -15.26 6.08
C TYR A 263 1.86 -15.76 5.88
N ASN A 264 1.14 -15.90 6.97
CA ASN A 264 -0.25 -16.37 6.93
C ASN A 264 -1.26 -15.22 6.99
N PHE A 265 -2.35 -15.33 6.24
CA PHE A 265 -3.46 -14.36 6.33
C PHE A 265 -4.67 -14.89 7.13
N VAL A 266 -5.24 -14.06 8.00
CA VAL A 266 -6.37 -14.40 8.86
C VAL A 266 -7.54 -13.47 8.50
N LEU A 267 -8.62 -14.02 7.93
CA LEU A 267 -9.75 -13.22 7.46
C LEU A 267 -10.96 -13.19 8.37
N ASP A 268 -11.48 -11.99 8.56
CA ASP A 268 -12.72 -11.77 9.30
C ASP A 268 -13.92 -12.27 8.50
N PRO A 269 -15.03 -12.63 9.19
CA PRO A 269 -16.17 -13.04 8.36
C PRO A 269 -16.87 -11.83 7.74
N ALA A 270 -17.37 -11.98 6.51
CA ALA A 270 -18.12 -10.90 5.85
C ALA A 270 -19.50 -10.70 6.50
#